data_5HCH
#
_entry.id   5HCH
#
_cell.length_a   60.451
_cell.length_b   60.451
_cell.length_c   204.828
_cell.angle_alpha   90.000
_cell.angle_beta   90.000
_cell.angle_gamma   120.000
#
_symmetry.space_group_name_H-M   'P 62 2 2'
#
loop_
_entity.id
_entity.type
_entity.pdbx_description
1 polymer 'Fucose-binding lectin'
2 polymer "DNA (5'-D(*CP*GP*CP*AP*TP*TP*(DF)P*TP*AP*TP*CP*GP*C)-3')"
3 polymer "DNA (5'-D(P*GP*CP*GP*AP*TP*AP*(DF)P*AP*AP*TP*GP*CP*G)-3')"
4 non-polymer 'CALCIUM ION'
5 non-polymer 'SODIUM ION'
6 non-polymer (6S)-2,6-anhydro-1-deoxy-6-(2-{[(S)-hydroxy(oxido)-lambda~5~-phosphanyl]oxy}ethyl)-D-galactitol
7 water water
#
loop_
_entity_poly.entity_id
_entity_poly.type
_entity_poly.pdbx_seq_one_letter_code
_entity_poly.pdbx_strand_id
1 'polypeptide(L)'
;ATQGVFTLPANTRFGVTAFANSSGTQTVNVLVNNETAATFSGQSTNNAVIGTQVLNSGSSGKVQVQVSVNGRPSDLVSAQ
VILTNELNFALVGSEDGTDNDYNDAVVVINWPLG
;
A
2 'polydeoxyribonucleotide' (DC)(DG)(DC)(DA)(DT)(DT)(61H)(DT)(DA)(DT)(DC)(DG)(DC) B
3 'polydeoxyribonucleotide' (DG)(DC)(DG)(DA)(DT)(DA)(61H)(DA)(DA)(DT)(DG)(DC)(DG) E
#
loop_
_chem_comp.id
_chem_comp.type
_chem_comp.name
_chem_comp.formula
61H non-polymer (1R)-1,4-anhydro-2-deoxy-5-O-[(S)-hydroxy(oxido)-lambda~5~-phosphanyl]-1-phenanthren-2-yl-D-erythro-pentitol 'C19 H19 O6 P'
61J D-saccharide (6S)-2,6-anhydro-1-deoxy-6-(2-{[(S)-hydroxy(oxido)-lambda~5~-phosphanyl]oxy}ethyl)-D-galactitol 'C8 H17 O8 P'
CA non-polymer 'CALCIUM ION' 'Ca 2'
DA DNA linking 2'-DEOXYADENOSINE-5'-MONOPHOSPHATE 'C10 H14 N5 O6 P'
DC DNA linking 2'-DEOXYCYTIDINE-5'-MONOPHOSPHATE 'C9 H14 N3 O7 P'
DG DNA linking 2'-DEOXYGUANOSINE-5'-MONOPHOSPHATE 'C10 H14 N5 O7 P'
DT DNA linking THYMIDINE-5'-MONOPHOSPHATE 'C10 H15 N2 O8 P'
NA non-polymer 'SODIUM ION' 'Na 1'
#
# COMPACT_ATOMS: atom_id res chain seq x y z
N ALA A 1 -14.75 -3.21 -7.87
CA ALA A 1 -14.03 -2.18 -8.62
C ALA A 1 -12.53 -2.25 -8.37
N THR A 2 -11.77 -1.58 -9.22
CA THR A 2 -10.32 -1.54 -9.10
C THR A 2 -9.91 -0.84 -7.81
N GLN A 3 -9.15 -1.54 -6.99
CA GLN A 3 -8.69 -0.99 -5.72
C GLN A 3 -7.16 -0.92 -5.65
N GLY A 4 -6.64 -0.05 -4.80
CA GLY A 4 -5.22 0.05 -4.57
C GLY A 4 -4.46 0.82 -5.64
N VAL A 5 -5.19 1.57 -6.45
CA VAL A 5 -4.57 2.41 -7.48
C VAL A 5 -4.84 3.89 -7.20
N PHE A 6 -3.78 4.68 -7.14
CA PHE A 6 -3.90 6.09 -6.80
C PHE A 6 -3.12 6.99 -7.75
N THR A 7 -3.66 8.17 -8.02
CA THR A 7 -2.98 9.15 -8.86
C THR A 7 -2.53 10.36 -8.04
N LEU A 8 -1.24 10.43 -7.79
CA LEU A 8 -0.82 11.59 -7.01
C LEU A 8 -0.02 12.50 -7.94
N PRO A 9 0.16 13.76 -7.50
CA PRO A 9 0.78 14.77 -8.38
C PRO A 9 2.09 14.27 -9.01
N ALA A 10 2.32 14.66 -10.26
CA ALA A 10 3.51 14.22 -11.00
C ALA A 10 4.78 14.55 -10.25
N ASN A 11 5.69 13.59 -10.21
CA ASN A 11 7.02 13.78 -9.62
C ASN A 11 6.96 14.33 -8.21
N THR A 12 6.32 13.58 -7.31
CA THR A 12 6.11 14.03 -5.94
C THR A 12 6.58 12.98 -4.95
N ARG A 13 7.33 13.42 -3.94
CA ARG A 13 7.85 12.51 -2.93
C ARG A 13 6.76 12.11 -1.95
N PHE A 14 6.64 10.82 -1.69
CA PHE A 14 5.66 10.30 -0.75
C PHE A 14 6.23 9.15 0.07
N GLY A 15 5.49 8.73 1.09
CA GLY A 15 5.94 7.65 1.96
C GLY A 15 5.01 6.46 1.91
N VAL A 16 5.59 5.27 1.87
CA VAL A 16 4.82 4.03 1.89
C VAL A 16 5.11 3.27 3.17
N THR A 17 4.06 2.72 3.78
CA THR A 17 4.23 1.92 4.99
C THR A 17 3.25 0.75 4.98
N ALA A 18 3.74 -0.42 5.40
CA ALA A 18 2.90 -1.61 5.44
C ALA A 18 2.94 -2.31 6.81
N PHE A 19 1.82 -2.89 7.20
CA PHE A 19 1.72 -3.65 8.44
C PHE A 19 1.22 -5.05 8.12
N ALA A 20 1.33 -5.95 9.09
CA ALA A 20 0.87 -7.32 8.89
C ALA A 20 -0.01 -7.79 10.05
N ASN A 21 -1.10 -8.46 9.73
CA ASN A 21 -2.04 -8.98 10.74
C ASN A 21 -2.56 -10.35 10.35
N SER A 22 -1.64 -11.26 10.03
CA SER A 22 -2.02 -12.58 9.55
C SER A 22 -0.86 -13.57 9.68
N SER A 23 -1.20 -14.85 9.84
CA SER A 23 -0.19 -15.90 9.88
C SER A 23 0.44 -16.08 8.50
N GLY A 24 -0.28 -15.63 7.47
CA GLY A 24 0.23 -15.66 6.11
C GLY A 24 1.38 -14.68 5.93
N THR A 25 2.27 -14.99 4.99
CA THR A 25 3.45 -14.17 4.77
C THR A 25 3.19 -13.15 3.69
N GLN A 26 2.97 -11.90 4.10
CA GLN A 26 2.56 -10.83 3.20
C GLN A 26 3.67 -10.39 2.24
N THR A 27 3.38 -10.49 0.95
CA THR A 27 4.28 -9.94 -0.06
C THR A 27 3.67 -8.66 -0.63
N VAL A 28 3.93 -7.54 0.03
CA VAL A 28 3.45 -6.25 -0.43
C VAL A 28 4.32 -5.74 -1.56
N ASN A 29 3.70 -5.40 -2.67
CA ASN A 29 4.43 -4.87 -3.82
C ASN A 29 3.90 -3.51 -4.24
N VAL A 30 4.80 -2.54 -4.38
CA VAL A 30 4.42 -1.17 -4.71
C VAL A 30 4.93 -0.78 -6.08
N LEU A 31 4.01 -0.66 -7.04
CA LEU A 31 4.36 -0.26 -8.38
C LEU A 31 4.27 1.24 -8.56
N VAL A 32 5.02 1.77 -9.53
CA VAL A 32 4.87 3.15 -9.96
C VAL A 32 4.89 3.16 -11.48
N ASN A 33 3.78 3.60 -12.08
CA ASN A 33 3.60 3.56 -13.53
C ASN A 33 3.77 2.14 -14.06
N ASN A 34 3.27 1.17 -13.31
CA ASN A 34 3.28 -0.25 -13.67
C ASN A 34 4.68 -0.88 -13.67
N GLU A 35 5.64 -0.22 -13.04
CA GLU A 35 7.03 -0.56 -12.75
C GLU A 35 7.14 -0.95 -11.28
N THR A 36 7.70 -2.08 -10.84
CA THR A 36 7.95 -2.31 -9.42
C THR A 36 8.95 -1.29 -8.88
N ALA A 37 8.61 -0.67 -7.76
CA ALA A 37 9.46 0.34 -7.15
C ALA A 37 9.92 -0.05 -5.75
N ALA A 38 9.18 -0.95 -5.11
CA ALA A 38 9.49 -1.39 -3.75
C ALA A 38 8.76 -2.69 -3.42
N THR A 39 9.41 -3.56 -2.65
CA THR A 39 8.80 -4.83 -2.27
C THR A 39 9.04 -5.13 -0.79
N PHE A 40 7.97 -5.08 -0.01
CA PHE A 40 8.05 -5.43 1.40
C PHE A 40 7.56 -6.85 1.61
N SER A 41 8.32 -7.63 2.37
CA SER A 41 7.90 -8.97 2.72
C SER A 41 8.15 -9.24 4.19
N GLY A 42 7.13 -9.74 4.88
CA GLY A 42 7.24 -10.00 6.30
C GLY A 42 6.05 -10.78 6.83
N GLN A 43 6.08 -11.08 8.12
CA GLN A 43 4.98 -11.82 8.75
C GLN A 43 4.75 -11.33 10.17
N SER A 44 3.50 -11.06 10.50
CA SER A 44 3.13 -10.65 11.84
C SER A 44 1.64 -10.84 12.09
N THR A 45 1.28 -10.96 13.37
CA THR A 45 -0.12 -10.93 13.77
C THR A 45 -0.27 -9.88 14.86
N ASN A 46 0.72 -9.00 14.95
CA ASN A 46 0.71 -7.94 15.95
C ASN A 46 1.02 -6.58 15.34
N ASN A 47 0.52 -6.36 14.12
CA ASN A 47 0.64 -5.09 13.42
C ASN A 47 2.07 -4.56 13.37
N ALA A 48 3.00 -5.40 12.92
CA ALA A 48 4.39 -4.99 12.82
C ALA A 48 4.66 -4.34 11.47
N VAL A 49 5.49 -3.29 11.48
CA VAL A 49 5.93 -2.66 10.24
C VAL A 49 6.82 -3.60 9.45
N ILE A 50 6.40 -3.95 8.23
CA ILE A 50 7.19 -4.82 7.38
C ILE A 50 7.93 -4.01 6.33
N GLY A 51 7.78 -2.69 6.37
CA GLY A 51 8.48 -1.83 5.43
C GLY A 51 8.04 -0.38 5.40
N THR A 52 9.02 0.51 5.34
CA THR A 52 8.79 1.93 5.11
C THR A 52 9.66 2.35 3.93
N GLN A 53 9.28 3.42 3.24
CA GLN A 53 10.01 3.83 2.05
C GLN A 53 9.61 5.23 1.59
N VAL A 54 10.58 5.95 1.01
CA VAL A 54 10.29 7.21 0.34
C VAL A 54 10.48 7.03 -1.16
N LEU A 55 9.42 7.24 -1.93
CA LEU A 55 9.46 7.03 -3.37
C LEU A 55 9.08 8.30 -4.13
N ASN A 56 8.99 8.18 -5.46
CA ASN A 56 8.63 9.31 -6.29
C ASN A 56 7.54 8.91 -7.29
N SER A 57 6.56 9.80 -7.48
CA SER A 57 5.42 9.56 -8.36
C SER A 57 5.86 9.25 -9.79
N GLY A 58 6.98 9.83 -10.19
CA GLY A 58 7.45 9.68 -11.56
C GLY A 58 6.73 10.68 -12.46
N SER A 59 6.83 10.45 -13.76
CA SER A 59 6.09 11.66 -14.12
C SER A 59 4.69 11.36 -14.66
N SER A 60 4.12 10.21 -14.34
CA SER A 60 2.66 10.05 -14.36
C SER A 60 2.02 10.33 -12.99
N GLY A 61 2.40 9.54 -12.00
CA GLY A 61 1.80 9.64 -10.68
C GLY A 61 0.96 8.42 -10.37
N LYS A 62 0.96 7.47 -11.30
CA LYS A 62 0.19 6.24 -11.12
C LYS A 62 0.88 5.30 -10.14
N VAL A 63 0.59 5.48 -8.87
CA VAL A 63 1.05 4.54 -7.85
C VAL A 63 0.00 3.46 -7.64
N GLN A 64 0.42 2.21 -7.68
CA GLN A 64 -0.47 1.09 -7.44
C GLN A 64 0.13 0.19 -6.36
N VAL A 65 -0.73 -0.39 -5.53
CA VAL A 65 -0.27 -1.33 -4.52
C VAL A 65 -0.90 -2.70 -4.77
N GLN A 66 -0.05 -3.72 -4.87
CA GLN A 66 -0.52 -5.09 -4.99
C GLN A 66 -0.09 -5.89 -3.76
N VAL A 67 -0.95 -6.81 -3.33
CA VAL A 67 -0.65 -7.63 -2.17
C VAL A 67 -0.86 -9.11 -2.46
N SER A 68 0.25 -9.82 -2.65
CA SER A 68 0.21 -11.26 -2.78
C SER A 68 0.58 -11.90 -1.44
N VAL A 69 0.03 -13.07 -1.17
CA VAL A 69 0.39 -13.84 0.01
C VAL A 69 0.59 -15.30 -0.38
N ASN A 70 1.82 -15.77 -0.28
CA ASN A 70 2.15 -17.16 -0.59
C ASN A 70 1.81 -17.47 -2.07
N GLY A 71 1.77 -16.43 -2.89
CA GLY A 71 1.40 -16.58 -4.29
C GLY A 71 0.02 -16.03 -4.61
N ARG A 72 -0.96 -16.44 -3.80
CA ARG A 72 -2.35 -15.98 -3.96
C ARG A 72 -2.49 -14.49 -3.71
N PRO A 73 -2.85 -13.72 -4.75
CA PRO A 73 -3.11 -12.29 -4.55
C PRO A 73 -4.31 -12.11 -3.62
N SER A 74 -4.29 -11.05 -2.81
CA SER A 74 -5.38 -10.79 -1.89
C SER A 74 -6.40 -9.87 -2.55
N ASP A 75 -7.62 -9.85 -2.00
CA ASP A 75 -8.62 -8.88 -2.46
C ASP A 75 -8.39 -7.56 -1.71
N LEU A 76 -8.53 -6.45 -2.43
CA LEU A 76 -8.14 -5.16 -1.89
C LEU A 76 -9.30 -4.22 -1.57
N VAL A 77 -9.09 -3.39 -0.57
CA VAL A 77 -9.96 -2.25 -0.31
C VAL A 77 -9.09 -1.00 -0.26
N SER A 78 -9.58 0.09 -0.82
CA SER A 78 -8.78 1.30 -0.91
C SER A 78 -9.62 2.57 -0.84
N ALA A 79 -8.96 3.66 -0.50
CA ALA A 79 -9.56 4.98 -0.48
C ALA A 79 -8.47 6.02 -0.32
N GLN A 80 -8.77 7.26 -0.68
CA GLN A 80 -7.85 8.37 -0.45
C GLN A 80 -8.55 9.45 0.35
N VAL A 81 -7.87 10.00 1.33
CA VAL A 81 -8.43 11.06 2.16
C VAL A 81 -7.51 12.27 2.16
N ILE A 82 -8.10 13.46 2.17
CA ILE A 82 -7.34 14.69 2.20
C ILE A 82 -7.82 15.60 3.32
N LEU A 83 -6.88 16.13 4.09
CA LEU A 83 -7.22 17.03 5.19
C LEU A 83 -6.65 18.42 4.93
N THR A 84 -7.46 19.45 5.17
CA THR A 84 -7.08 20.84 4.95
C THR A 84 -6.55 21.06 3.53
N ASN A 85 -6.98 20.21 2.61
CA ASN A 85 -6.61 20.31 1.20
C ASN A 85 -5.09 20.39 0.98
N GLU A 86 -4.34 19.74 1.86
CA GLU A 86 -2.89 19.69 1.72
C GLU A 86 -2.32 18.33 2.07
N LEU A 87 -2.77 17.75 3.18
CA LEU A 87 -2.22 16.50 3.69
C LEU A 87 -3.00 15.27 3.21
N ASN A 88 -2.36 14.45 2.36
CA ASN A 88 -3.03 13.32 1.74
C ASN A 88 -2.69 11.96 2.34
N PHE A 89 -3.71 11.11 2.45
CA PHE A 89 -3.53 9.72 2.85
C PHE A 89 -4.09 8.82 1.77
N ALA A 90 -3.36 7.78 1.41
CA ALA A 90 -3.88 6.73 0.53
C ALA A 90 -3.84 5.41 1.27
N LEU A 91 -5.02 4.86 1.55
CA LEU A 91 -5.13 3.70 2.44
C LEU A 91 -5.49 2.43 1.69
N VAL A 92 -4.79 1.34 1.99
CA VAL A 92 -5.05 0.05 1.36
C VAL A 92 -5.18 -1.07 2.38
N GLY A 93 -6.29 -1.81 2.31
CA GLY A 93 -6.45 -3.02 3.11
C GLY A 93 -6.36 -4.21 2.18
N SER A 94 -6.43 -5.41 2.74
CA SER A 94 -6.29 -6.64 1.95
C SER A 94 -6.69 -7.88 2.74
N GLU A 95 -7.28 -8.84 2.04
CA GLU A 95 -7.73 -10.09 2.67
C GLU A 95 -7.14 -11.31 2.00
N ASP A 96 -6.44 -12.14 2.77
CA ASP A 96 -5.86 -13.37 2.25
C ASP A 96 -6.69 -14.59 2.67
N GLY A 97 -7.48 -14.44 3.73
CA GLY A 97 -8.24 -15.54 4.28
C GLY A 97 -9.73 -15.52 3.95
N THR A 98 -10.56 -15.73 4.96
CA THR A 98 -12.01 -15.81 4.77
C THR A 98 -12.83 -15.13 5.87
N ASP A 99 -12.16 -14.60 6.88
CA ASP A 99 -12.88 -14.01 8.01
C ASP A 99 -13.20 -12.53 7.80
N ASN A 100 -12.81 -12.01 6.64
CA ASN A 100 -13.17 -10.65 6.21
C ASN A 100 -12.87 -9.57 7.24
N ASP A 101 -11.65 -9.51 7.74
CA ASP A 101 -11.22 -8.41 8.60
C ASP A 101 -10.43 -7.40 7.78
N TYR A 102 -9.79 -7.90 6.73
CA TYR A 102 -9.06 -7.09 5.74
C TYR A 102 -7.93 -6.25 6.35
N ASN A 103 -7.27 -6.80 7.36
CA ASN A 103 -6.16 -6.12 8.01
C ASN A 103 -4.85 -6.89 7.85
N ASP A 104 -4.94 -8.04 7.19
CA ASP A 104 -3.79 -8.93 7.00
C ASP A 104 -2.57 -8.19 6.49
N ALA A 105 -2.78 -7.30 5.52
CA ALA A 105 -1.75 -6.36 5.10
C ALA A 105 -2.36 -4.98 4.97
N VAL A 106 -2.00 -4.11 5.91
CA VAL A 106 -2.46 -2.73 5.90
C VAL A 106 -1.39 -1.82 5.32
N VAL A 107 -1.70 -1.17 4.20
CA VAL A 107 -0.75 -0.28 3.54
C VAL A 107 -1.17 1.18 3.64
N VAL A 108 -0.23 2.03 4.05
CA VAL A 108 -0.52 3.45 4.25
C VAL A 108 0.45 4.35 3.49
N ILE A 109 -0.04 4.98 2.44
CA ILE A 109 0.72 5.97 1.68
C ILE A 109 0.34 7.37 2.15
N ASN A 110 1.33 8.25 2.27
CA ASN A 110 1.07 9.62 2.69
C ASN A 110 1.98 10.62 2.01
N TRP A 111 1.44 11.82 1.75
CA TRP A 111 2.20 12.90 1.15
C TRP A 111 1.43 14.21 1.37
N PRO A 112 2.10 15.37 1.25
CA PRO A 112 3.49 15.63 0.86
C PRO A 112 4.48 15.30 1.96
N LEU A 113 5.76 15.30 1.65
CA LEU A 113 6.79 15.07 2.64
C LEU A 113 7.56 16.34 2.94
N GLY A 114 8.53 16.25 3.85
CA GLY A 114 9.33 17.41 4.23
C GLY A 114 8.61 18.29 5.21
P 61H B 7 -24.94 -25.41 25.66
O1P 61H B 7 -24.70 -26.71 26.33
O2P 61H B 7 -23.86 -24.43 25.90
O5' 61H B 7 -26.01 -25.23 24.51
C5' 61H B 7 -25.57 -25.07 23.19
C4' 61H B 7 -26.34 -23.91 22.54
O4' 61H B 7 -26.57 -22.83 23.42
C1' 61H B 7 -26.99 -21.80 22.54
C1 61H B 7 -27.06 -20.49 23.27
C2 61H B 7 -26.45 -20.33 24.50
C3 61H B 7 -26.54 -19.11 25.15
C4 61H B 7 -25.92 -18.98 26.38
C5 61H B 7 -25.98 -17.78 27.06
C6 61H B 7 -26.66 -16.70 26.50
C7 61H B 7 -26.69 -15.53 27.21
C8 61H B 7 -27.35 -14.44 26.72
C9 61H B 7 -27.99 -14.52 25.49
C10 61H B 7 -27.96 -15.71 24.76
C11 61H B 7 -27.28 -16.82 25.28
C12 61H B 7 -27.22 -18.03 24.59
C13 61H B 7 -27.82 -18.21 23.35
C14 61H B 7 -27.74 -19.43 22.70
C3' 61H B 7 -25.65 -23.25 21.36
C2' 61H B 7 -25.95 -21.76 21.45
O3' 61H B 7 -26.04 -23.65 20.27
P 61H C 7 -19.65 -12.45 30.26
O1P 61H C 7 -18.41 -12.19 31.01
O2P 61H C 7 -20.26 -13.76 30.59
O5' 61H C 7 -20.45 -11.33 29.50
C5' 61H C 7 -20.86 -11.61 28.17
C4' 61H C 7 -22.07 -10.77 27.78
O4' 61H C 7 -22.77 -11.24 26.65
C1' 61H C 7 -23.77 -12.13 27.13
C1 61H C 7 -23.56 -13.52 26.58
C2 61H C 7 -22.80 -14.45 27.28
C3 61H C 7 -22.62 -15.72 26.76
C4 61H C 7 -21.86 -16.61 27.48
C5 61H C 7 -21.66 -17.89 26.99
C6 61H C 7 -22.22 -18.27 25.79
C7 61H C 7 -22.00 -19.55 25.34
C8 61H C 7 -22.53 -19.97 24.15
C9 61H C 7 -23.31 -19.10 23.39
C10 61H C 7 -23.54 -17.80 23.84
C11 61H C 7 -22.99 -17.37 25.05
C12 61H C 7 -23.19 -16.09 25.55
C13 61H C 7 -23.95 -15.15 24.85
C14 61H C 7 -24.13 -13.87 25.38
C3' 61H C 7 -23.22 -10.74 28.78
C2' 61H C 7 -23.72 -12.14 28.65
O3' 61H C 7 -24.11 -9.96 28.51
CA CA D . -8.26 -11.98 7.23
CA CA E . -6.15 -10.77 10.09
NA NA F . -21.77 -29.33 20.72
C2 61J G . -5.54 -15.21 10.97
C3 61J G . -6.53 -14.07 10.84
C4 61J G . -7.06 -13.92 9.42
C5 61J G . -5.99 -14.09 8.38
C6 61J G . -5.23 -15.37 8.60
O6 61J G . -4.65 -15.33 9.88
C1 61J G . -4.70 -14.95 12.20
O02 61J G . -5.92 -12.85 11.24
O4 61J G . -7.60 -12.61 9.32
O5 61J G . -6.57 -14.11 7.09
C7 61J G . -6.12 -16.59 8.44
C8 61J G . -5.35 -17.70 7.75
O8 61J G . -5.71 -18.51 7.23
P01 61J G . -6.12 -19.62 6.22
O06 61J G . -4.88 -20.39 5.93
O07 61J G . -6.64 -18.74 5.07
#